data_2GPZ
#
_entry.id   2GPZ
#
_cell.length_a   94.705
_cell.length_b   94.705
_cell.length_c   57.381
_cell.angle_alpha   90.00
_cell.angle_beta   90.00
_cell.angle_gamma   120.00
#
_symmetry.space_group_name_H-M   'P 6'
#
loop_
_entity.id
_entity.type
_entity.pdbx_description
1 polymer 'transthyretin-like protein'
2 non-polymer 'SULFATE ION'
3 water water
#
_entity_poly.entity_id   1
_entity_poly.type   'polypeptide(L)'
_entity_poly.pdbx_seq_one_letter_code
;MILSVHILDQQTGKPAPGVEVVLEQKKDNGWTQLNTGHTDQDGRIKALWPEKAAAPGDYRVIFKTGQYFESKKLDTFFPE
IPVEFHISKTNEHYHVPLLLSQYGYSTYRGS
;
_entity_poly.pdbx_strand_id   A,C
#
# COMPACT_ATOMS: atom_id res chain seq x y z
N MET A 1 17.95 -9.10 -7.78
CA MET A 1 16.64 -8.47 -8.13
C MET A 1 15.50 -9.33 -7.59
N ILE A 2 14.60 -8.70 -6.83
CA ILE A 2 13.38 -9.34 -6.36
C ILE A 2 12.19 -8.50 -6.80
N LEU A 3 11.18 -9.17 -7.33
CA LEU A 3 9.94 -8.50 -7.72
C LEU A 3 8.76 -9.14 -6.99
N SER A 4 8.05 -8.32 -6.23
CA SER A 4 6.86 -8.76 -5.51
C SER A 4 5.68 -7.90 -5.94
N VAL A 5 4.49 -8.50 -5.95
CA VAL A 5 3.25 -7.75 -6.10
C VAL A 5 2.26 -8.19 -5.04
N HIS A 6 1.34 -7.29 -4.68
CA HIS A 6 0.17 -7.66 -3.89
C HIS A 6 -1.03 -6.78 -4.22
N ILE A 7 -2.20 -7.39 -4.30
CA ILE A 7 -3.41 -6.67 -4.67
C ILE A 7 -4.35 -6.54 -3.49
N LEU A 8 -4.85 -5.32 -3.30
CA LEU A 8 -5.77 -5.03 -2.22
C LEU A 8 -7.11 -4.60 -2.80
N ASP A 9 -8.14 -5.40 -2.53
CA ASP A 9 -9.49 -5.08 -2.95
C ASP A 9 -10.06 -3.97 -2.08
N GLN A 10 -10.38 -2.85 -2.72
CA GLN A 10 -10.82 -1.64 -2.02
C GLN A 10 -12.32 -1.68 -1.70
N GLN A 11 -13.05 -2.54 -2.41
CA GLN A 11 -14.47 -2.77 -2.14
C GLN A 11 -14.69 -3.54 -0.83
N THR A 12 -13.76 -4.45 -0.51
CA THR A 12 -13.90 -5.34 0.63
C THR A 12 -12.94 -4.99 1.77
N GLY A 13 -11.83 -4.33 1.44
CA GLY A 13 -10.78 -4.04 2.42
C GLY A 13 -9.94 -5.25 2.75
N LYS A 14 -10.06 -6.29 1.93
CA LYS A 14 -9.31 -7.53 2.10
C LYS A 14 -8.46 -7.74 0.85
N PRO A 15 -7.38 -8.54 0.95
CA PRO A 15 -6.59 -8.84 -0.23
C PRO A 15 -7.41 -9.54 -1.31
N ALA A 16 -6.99 -9.39 -2.57
CA ALA A 16 -7.65 -10.03 -3.70
C ALA A 16 -6.89 -11.31 -4.10
N PRO A 17 -7.51 -12.48 -3.84
CA PRO A 17 -6.88 -13.77 -4.12
C PRO A 17 -7.14 -14.31 -5.52
N GLY A 18 -6.27 -15.21 -5.97
CA GLY A 18 -6.42 -15.90 -7.25
C GLY A 18 -6.37 -15.04 -8.50
N VAL A 19 -5.69 -13.90 -8.42
CA VAL A 19 -5.56 -12.99 -9.56
C VAL A 19 -4.26 -13.27 -10.33
N GLU A 20 -4.40 -13.52 -11.63
CA GLU A 20 -3.26 -13.80 -12.50
C GLU A 20 -2.44 -12.53 -12.74
N VAL A 21 -1.12 -12.65 -12.62
CA VAL A 21 -0.21 -11.54 -12.90
C VAL A 21 0.91 -12.01 -13.83
N VAL A 22 1.11 -11.27 -14.91
CA VAL A 22 2.10 -11.58 -15.91
C VAL A 22 3.25 -10.57 -15.84
N LEU A 23 4.47 -11.09 -15.70
CA LEU A 23 5.67 -10.25 -15.68
C LEU A 23 6.37 -10.27 -17.04
N GLU A 24 6.66 -9.09 -17.57
CA GLU A 24 7.30 -8.96 -18.87
C GLU A 24 8.52 -8.02 -18.86
N GLN A 25 9.41 -8.23 -19.83
CA GLN A 25 10.57 -7.38 -20.04
C GLN A 25 10.52 -6.78 -21.44
N LYS A 26 10.87 -5.49 -21.55
CA LYS A 26 10.93 -4.83 -22.84
C LYS A 26 12.19 -5.24 -23.60
N LYS A 27 11.99 -5.86 -24.76
CA LYS A 27 13.09 -6.28 -25.62
C LYS A 27 13.03 -5.52 -26.94
N ASP A 28 13.98 -5.79 -27.82
CA ASP A 28 14.04 -5.14 -29.13
C ASP A 28 13.04 -5.76 -30.10
N GLY A 30 9.01 -6.09 -28.92
CA GLY A 30 8.12 -5.52 -27.90
C GLY A 30 8.39 -6.07 -26.51
N TRP A 31 7.36 -6.66 -25.91
CA TRP A 31 7.44 -7.21 -24.56
C TRP A 31 7.52 -8.73 -24.58
N THR A 32 8.24 -9.29 -23.61
CA THR A 32 8.41 -10.75 -23.52
C THR A 32 8.19 -11.24 -22.09
N GLN A 33 7.51 -12.38 -21.95
CA GLN A 33 7.16 -12.94 -20.65
C GLN A 33 8.36 -13.55 -19.92
N LEU A 34 8.57 -13.09 -18.69
CA LEU A 34 9.58 -13.67 -17.83
C LEU A 34 8.95 -14.72 -16.91
N ASN A 35 7.77 -14.40 -16.38
CA ASN A 35 7.02 -15.30 -15.51
C ASN A 35 5.54 -14.93 -15.41
N THR A 36 4.73 -15.91 -15.03
CA THR A 36 3.31 -15.72 -14.76
C THR A 36 2.97 -16.35 -13.41
N GLY A 37 2.31 -15.57 -12.55
CA GLY A 37 1.89 -16.07 -11.23
C GLY A 37 0.44 -15.74 -10.90
N HIS A 38 -0.03 -16.29 -9.78
CA HIS A 38 -1.37 -16.01 -9.27
C HIS A 38 -1.27 -15.61 -7.81
N THR A 39 -1.97 -14.54 -7.44
CA THR A 39 -1.96 -14.05 -6.05
C THR A 39 -2.56 -15.08 -5.09
N ASP A 40 -1.92 -15.25 -3.93
CA ASP A 40 -2.33 -16.24 -2.94
C ASP A 40 -3.49 -15.77 -2.05
N GLN A 41 -3.73 -16.48 -0.94
CA GLN A 41 -4.79 -16.14 0.01
C GLN A 41 -4.66 -14.72 0.55
N ASP A 42 -3.41 -14.25 0.68
CA ASP A 42 -3.12 -12.92 1.20
C ASP A 42 -2.89 -11.92 0.07
N GLY A 43 -3.31 -12.30 -1.14
CA GLY A 43 -3.24 -11.45 -2.31
C GLY A 43 -1.84 -11.13 -2.81
N ARG A 44 -0.87 -11.97 -2.45
CA ARG A 44 0.54 -11.70 -2.74
C ARG A 44 1.16 -12.67 -3.75
N ILE A 45 2.13 -12.15 -4.50
CA ILE A 45 3.10 -12.98 -5.21
C ILE A 45 4.47 -12.47 -4.76
N LYS A 46 5.05 -13.14 -3.77
CA LYS A 46 6.28 -12.70 -3.12
C LYS A 46 7.51 -12.69 -4.04
N ALA A 47 7.63 -13.71 -4.87
CA ALA A 47 8.78 -13.85 -5.77
C ALA A 47 8.28 -14.05 -7.20
N LEU A 48 8.34 -12.99 -8.00
CA LEU A 48 7.62 -12.99 -9.27
C LEU A 48 8.20 -13.72 -10.50
N TRP A 49 9.48 -13.66 -10.89
CA TRP A 49 10.71 -13.08 -10.28
C TRP A 49 11.25 -13.36 -8.84
N PRO A 50 11.81 -14.57 -8.64
CA PRO A 50 12.58 -14.86 -7.44
C PRO A 50 13.96 -14.18 -7.45
N GLU A 51 14.60 -14.13 -6.29
CA GLU A 51 15.90 -13.45 -6.13
C GLU A 51 16.98 -13.98 -7.08
N LYS A 52 17.20 -13.24 -8.16
CA LYS A 52 18.21 -13.53 -9.18
C LYS A 52 18.69 -12.23 -9.81
N ALA A 53 19.90 -12.25 -10.36
CA ALA A 53 20.45 -11.11 -11.09
C ALA A 53 19.60 -10.78 -12.32
N ALA A 54 19.44 -9.50 -12.60
CA ALA A 54 18.65 -9.05 -13.74
C ALA A 54 19.29 -7.87 -14.47
N ALA A 55 18.95 -7.73 -15.75
CA ALA A 55 19.42 -6.62 -16.56
C ALA A 55 18.53 -5.40 -16.31
N PRO A 56 19.14 -4.20 -16.22
CA PRO A 56 18.35 -2.98 -16.09
C PRO A 56 17.51 -2.70 -17.33
N GLY A 57 16.44 -1.93 -17.17
CA GLY A 57 15.57 -1.58 -18.28
C GLY A 57 14.12 -1.52 -17.89
N ASP A 58 13.25 -1.44 -18.91
CA ASP A 58 11.81 -1.34 -18.70
C ASP A 58 11.16 -2.71 -18.51
N TYR A 59 10.32 -2.79 -17.50
CA TYR A 59 9.57 -3.99 -17.18
C TYR A 59 8.08 -3.69 -17.12
N ARG A 60 7.27 -4.73 -17.05
CA ARG A 60 5.82 -4.59 -17.00
C ARG A 60 5.18 -5.73 -16.22
N VAL A 61 4.22 -5.39 -15.36
CA VAL A 61 3.35 -6.38 -14.74
C VAL A 61 1.91 -6.15 -15.20
N ILE A 62 1.26 -7.21 -15.63
CA ILE A 62 -0.14 -7.11 -16.05
C ILE A 62 -1.02 -7.86 -15.05
N PHE A 63 -1.83 -7.10 -14.32
CA PHE A 63 -2.78 -7.64 -13.37
C PHE A 63 -4.08 -8.03 -14.10
N LYS A 64 -4.35 -9.32 -14.19
CA LYS A 64 -5.55 -9.81 -14.86
C LYS A 64 -6.79 -9.63 -13.99
N THR A 65 -7.14 -8.36 -13.75
CA THR A 65 -8.21 -7.98 -12.84
C THR A 65 -9.60 -8.02 -13.50
N GLY A 66 -9.61 -8.01 -14.83
CA GLY A 66 -10.85 -8.16 -15.59
C GLY A 66 -11.49 -9.51 -15.34
N GLN A 67 -10.67 -10.56 -15.41
CA GLN A 67 -11.11 -11.93 -15.13
C GLN A 67 -11.48 -12.12 -13.67
N TYR A 68 -10.83 -11.36 -12.79
CA TYR A 68 -11.10 -11.40 -11.36
C TYR A 68 -12.52 -10.94 -11.03
N PHE A 69 -12.92 -9.79 -11.56
CA PHE A 69 -14.25 -9.23 -11.33
C PHE A 69 -15.36 -9.99 -12.06
N GLU A 70 -14.99 -10.61 -13.18
CA GLU A 70 -15.93 -11.43 -13.95
C GLU A 70 -16.40 -12.64 -13.16
N SER A 71 -15.47 -13.26 -12.43
CA SER A 71 -15.78 -14.42 -11.60
C SER A 71 -16.61 -14.06 -10.35
N LYS A 72 -16.58 -12.78 -9.98
CA LYS A 72 -17.39 -12.27 -8.87
C LYS A 72 -18.71 -11.69 -9.39
N LYS A 73 -18.92 -11.77 -10.71
CA LYS A 73 -20.05 -11.14 -11.40
C LYS A 73 -20.16 -9.63 -11.15
N LEU A 74 -19.01 -8.96 -11.19
CA LEU A 74 -18.94 -7.51 -11.00
C LEU A 74 -18.42 -6.83 -12.25
N ASP A 75 -19.03 -5.68 -12.59
CA ASP A 75 -18.56 -4.87 -13.71
C ASP A 75 -17.32 -4.09 -13.32
N THR A 76 -16.50 -3.76 -14.31
CA THR A 76 -15.25 -3.03 -14.10
C THR A 76 -14.84 -2.21 -15.34
N PHE A 77 -14.11 -1.13 -15.12
CA PHE A 77 -13.65 -0.28 -16.23
C PHE A 77 -12.50 -0.91 -17.01
N PHE A 78 -11.74 -1.77 -16.33
CA PHE A 78 -10.47 -2.28 -16.86
C PHE A 78 -10.56 -3.76 -17.25
N PRO A 79 -10.21 -4.09 -18.51
CA PRO A 79 -10.11 -5.49 -18.93
C PRO A 79 -8.92 -6.19 -18.27
N GLU A 80 -7.90 -5.41 -17.96
CA GLU A 80 -6.72 -5.82 -17.19
C GLU A 80 -5.98 -4.54 -16.82
N ILE A 81 -5.04 -4.64 -15.90
CA ILE A 81 -4.27 -3.47 -15.46
C ILE A 81 -2.77 -3.70 -15.67
N PRO A 82 -2.20 -3.05 -16.69
CA PRO A 82 -0.76 -3.09 -16.90
C PRO A 82 -0.04 -2.00 -16.10
N VAL A 83 1.11 -2.34 -15.53
CA VAL A 83 1.94 -1.35 -14.84
C VAL A 83 3.37 -1.42 -15.38
N GLU A 84 3.78 -0.36 -16.08
CA GLU A 84 5.14 -0.25 -16.59
C GLU A 84 6.04 0.40 -15.56
N PHE A 85 7.22 -0.19 -15.37
CA PHE A 85 8.22 0.37 -14.46
C PHE A 85 9.65 0.15 -14.97
N HIS A 86 10.56 1.03 -14.55
CA HIS A 86 11.96 0.96 -14.95
C HIS A 86 12.85 0.67 -13.74
N ILE A 87 13.77 -0.27 -13.93
CA ILE A 87 14.72 -0.65 -12.88
C ILE A 87 16.14 -0.29 -13.33
N SER A 88 16.79 0.58 -12.56
CA SER A 88 18.19 0.92 -12.80
C SER A 88 19.10 0.28 -11.75
N LYS A 89 18.60 0.20 -10.52
CA LYS A 89 19.29 -0.51 -9.45
C LYS A 89 18.73 -1.94 -9.37
N THR A 90 19.44 -2.87 -10.00
CA THR A 90 18.97 -4.25 -10.15
C THR A 90 19.22 -5.11 -8.91
N ASN A 91 19.89 -4.54 -7.92
CA ASN A 91 20.17 -5.26 -6.66
C ASN A 91 18.99 -5.31 -5.70
N GLU A 92 18.03 -4.41 -5.91
CA GLU A 92 16.99 -4.15 -4.91
C GLU A 92 15.75 -5.04 -5.02
N HIS A 93 15.02 -5.12 -3.92
CA HIS A 93 13.71 -5.76 -3.85
C HIS A 93 12.65 -4.71 -4.22
N TYR A 94 11.86 -5.01 -5.25
CA TYR A 94 10.82 -4.10 -5.71
C TYR A 94 9.41 -4.63 -5.43
N HIS A 95 8.64 -3.85 -4.70
CA HIS A 95 7.21 -4.14 -4.49
C HIS A 95 6.38 -3.24 -5.41
N VAL A 96 5.51 -3.87 -6.20
CA VAL A 96 4.56 -3.14 -7.03
C VAL A 96 3.12 -3.53 -6.63
N PRO A 97 2.58 -2.89 -5.58
CA PRO A 97 1.23 -3.19 -5.11
C PRO A 97 0.15 -2.55 -5.97
N LEU A 98 -1.04 -3.14 -5.92
CA LEU A 98 -2.20 -2.60 -6.64
C LEU A 98 -3.36 -2.42 -5.67
N LEU A 99 -3.84 -1.18 -5.57
CA LEU A 99 -5.04 -0.88 -4.80
C LEU A 99 -6.22 -0.88 -5.76
N LEU A 100 -7.05 -1.92 -5.67
CA LEU A 100 -8.01 -2.22 -6.72
C LEU A 100 -9.44 -1.85 -6.38
N SER A 101 -10.01 -0.97 -7.18
CA SER A 101 -11.45 -0.73 -7.19
C SER A 101 -11.98 -1.09 -8.58
N GLN A 102 -13.31 -1.21 -8.70
CA GLN A 102 -13.93 -1.59 -9.97
C GLN A 102 -13.66 -0.59 -11.10
N TYR A 103 -13.68 0.70 -10.77
CA TYR A 103 -13.54 1.76 -11.77
C TYR A 103 -12.43 2.76 -11.43
N GLY A 104 -11.41 2.28 -10.71
CA GLY A 104 -10.25 3.09 -10.35
C GLY A 104 -9.20 2.26 -9.65
N TYR A 105 -7.96 2.72 -9.69
CA TYR A 105 -6.87 2.04 -8.99
C TYR A 105 -5.66 2.92 -8.71
N SER A 106 -4.79 2.42 -7.83
CA SER A 106 -3.53 3.06 -7.51
C SER A 106 -2.39 2.04 -7.52
N THR A 107 -1.23 2.46 -8.01
CA THR A 107 -0.03 1.65 -7.94
C THR A 107 1.19 2.53 -7.67
N TYR A 108 2.25 1.93 -7.15
CA TYR A 108 3.41 2.67 -6.65
C TYR A 108 4.57 1.72 -6.40
N ARG A 109 5.72 2.28 -6.04
CA ARG A 109 6.83 1.48 -5.51
C ARG A 109 6.61 1.32 -4.01
N GLY A 110 6.62 0.07 -3.54
CA GLY A 110 6.18 -0.23 -2.18
C GLY A 110 7.13 -0.49 -1.00
N SER A 111 8.44 -0.41 -1.16
CA SER A 111 9.15 0.00 -2.36
C SER A 111 9.41 -1.18 -3.30
N MET B 1 -6.85 -6.54 19.39
CA MET B 1 -6.79 -5.42 18.42
C MET B 1 -5.35 -4.99 18.20
N ILE B 2 -4.93 -4.95 16.94
CA ILE B 2 -3.62 -4.42 16.56
C ILE B 2 -3.83 -3.30 15.54
N LEU B 3 -3.12 -2.20 15.75
CA LEU B 3 -3.15 -1.08 14.81
C LEU B 3 -1.73 -0.77 14.34
N SER B 4 -1.54 -0.85 13.03
CA SER B 4 -0.26 -0.53 12.40
C SER B 4 -0.47 0.56 11.36
N VAL B 5 0.53 1.41 11.21
CA VAL B 5 0.57 2.36 10.10
C VAL B 5 1.93 2.29 9.41
N HIS B 6 1.96 2.64 8.13
CA HIS B 6 3.21 2.89 7.42
C HIS B 6 3.04 3.93 6.33
N ILE B 7 4.03 4.82 6.21
CA ILE B 7 3.96 5.91 5.24
C ILE B 7 4.95 5.69 4.11
N LEU B 8 4.46 5.87 2.89
CA LEU B 8 5.27 5.72 1.71
C LEU B 8 5.37 7.05 0.97
N ASP B 9 6.59 7.59 0.89
CA ASP B 9 6.84 8.82 0.17
C ASP B 9 6.81 8.55 -1.33
N GLN B 10 5.88 9.22 -2.00
CA GLN B 10 5.61 8.98 -3.42
C GLN B 10 6.57 9.78 -4.31
N GLN B 11 7.18 10.82 -3.74
CA GLN B 11 8.20 11.61 -4.42
C GLN B 11 9.51 10.85 -4.57
N THR B 12 9.82 9.99 -3.60
CA THR B 12 11.10 9.28 -3.55
C THR B 12 10.95 7.79 -3.85
N GLY B 13 9.77 7.25 -3.61
CA GLY B 13 9.51 5.81 -3.73
C GLY B 13 10.11 5.02 -2.58
N LYS B 14 10.46 5.72 -1.51
CA LYS B 14 11.02 5.12 -0.31
C LYS B 14 10.09 5.43 0.85
N PRO B 15 10.15 4.63 1.94
CA PRO B 15 9.35 4.94 3.12
C PRO B 15 9.70 6.31 3.71
N ALA B 16 8.73 6.93 4.39
CA ALA B 16 8.93 8.21 5.05
C ALA B 16 9.22 8.02 6.53
N PRO B 17 10.48 8.27 6.95
CA PRO B 17 10.92 8.07 8.33
C PRO B 17 10.70 9.29 9.24
N GLY B 18 10.64 9.04 10.55
CA GLY B 18 10.55 10.09 11.56
C GLY B 18 9.29 10.94 11.54
N VAL B 19 8.20 10.37 11.03
CA VAL B 19 6.91 11.08 10.97
C VAL B 19 6.05 10.74 12.19
N GLU B 20 5.63 11.78 12.91
CA GLU B 20 4.80 11.62 14.10
C GLU B 20 3.38 11.20 13.71
N VAL B 21 2.85 10.21 14.42
CA VAL B 21 1.48 9.76 14.22
C VAL B 21 0.76 9.67 15.57
N VAL B 22 -0.41 10.29 15.62
CA VAL B 22 -1.22 10.34 16.83
C VAL B 22 -2.46 9.46 16.66
N LEU B 23 -2.66 8.54 17.60
CA LEU B 23 -3.83 7.67 17.60
C LEU B 23 -4.88 8.17 18.60
N GLU B 24 -6.11 8.32 18.13
CA GLU B 24 -7.20 8.81 18.98
C GLU B 24 -8.46 7.95 18.92
N GLN B 25 -9.27 8.03 19.98
CA GLN B 25 -10.55 7.35 20.06
C GLN B 25 -11.66 8.38 20.25
N LYS B 26 -12.77 8.19 19.55
CA LYS B 26 -13.93 9.07 19.70
C LYS B 26 -14.67 8.75 21.00
N LYS B 27 -14.73 9.74 21.88
CA LYS B 27 -15.45 9.62 23.15
C LYS B 27 -16.62 10.60 23.18
N ASP B 28 -17.37 10.58 24.27
CA ASP B 28 -18.52 11.47 24.44
C ASP B 28 -18.08 12.89 24.82
N GLY B 30 -15.20 14.80 22.45
CA GLY B 30 -14.62 14.68 21.11
C GLY B 30 -13.66 13.51 21.00
N TRP B 31 -12.42 13.80 20.62
CA TRP B 31 -11.39 12.78 20.43
C TRP B 31 -10.39 12.78 21.58
N THR B 32 -9.87 11.60 21.92
CA THR B 32 -8.90 11.45 23.00
C THR B 32 -7.71 10.58 22.58
N GLN B 33 -6.51 10.99 23.00
CA GLN B 33 -5.28 10.29 22.61
C GLN B 33 -5.11 8.95 23.32
N LEU B 34 -4.89 7.92 22.54
CA LEU B 34 -4.56 6.60 23.07
C LEU B 34 -3.05 6.40 23.07
N ASN B 35 -2.40 6.84 21.99
CA ASN B 35 -0.95 6.74 21.86
C ASN B 35 -0.40 7.68 20.78
N THR B 36 0.89 7.99 20.90
CA THR B 36 1.62 8.77 19.91
C THR B 36 2.92 8.05 19.56
N GLY B 37 3.16 7.85 18.27
CA GLY B 37 4.39 7.22 17.79
C GLY B 37 5.07 7.97 16.67
N HIS B 38 6.26 7.50 16.29
CA HIS B 38 7.00 8.05 15.16
C HIS B 38 7.45 6.91 14.25
N THR B 39 7.26 7.10 12.94
CA THR B 39 7.62 6.08 11.95
C THR B 39 9.13 5.83 11.94
N ASP B 40 9.50 4.56 11.85
CA ASP B 40 10.91 4.15 11.90
C ASP B 40 11.63 4.28 10.55
N GLN B 41 12.81 3.68 10.44
CA GLN B 41 13.61 3.70 9.20
C GLN B 41 12.83 3.18 7.99
N ASP B 42 11.95 2.22 8.23
CA ASP B 42 11.14 1.61 7.18
C ASP B 42 9.75 2.25 7.09
N GLY B 43 9.61 3.41 7.72
CA GLY B 43 8.38 4.21 7.69
C GLY B 43 7.19 3.57 8.39
N ARG B 44 7.46 2.67 9.34
CA ARG B 44 6.41 1.90 10.00
C ARG B 44 6.24 2.23 11.49
N ILE B 45 5.00 2.09 11.95
CA ILE B 45 4.72 1.94 13.38
C ILE B 45 3.90 0.66 13.51
N LYS B 46 4.58 -0.43 13.83
CA LYS B 46 3.97 -1.77 13.84
C LYS B 46 2.87 -1.95 14.89
N ALA B 47 3.08 -1.41 16.08
CA ALA B 47 2.13 -1.54 17.18
C ALA B 47 1.80 -0.16 17.72
N LEU B 48 0.63 0.35 17.36
CA LEU B 48 0.35 1.77 17.60
C LEU B 48 -0.09 2.27 18.99
N TRP B 49 -0.97 1.65 19.79
CA TRP B 49 -1.69 0.35 19.72
C TRP B 49 -1.02 -1.04 19.52
N PRO B 50 -0.38 -1.55 20.59
CA PRO B 50 0.05 -2.95 20.64
C PRO B 50 -1.13 -3.89 20.86
N GLU B 51 -0.91 -5.19 20.62
CA GLU B 51 -1.94 -6.21 20.71
C GLU B 51 -2.62 -6.27 22.09
N LYS B 52 -3.79 -5.65 22.17
CA LYS B 52 -4.63 -5.61 23.37
C LYS B 52 -6.10 -5.52 22.97
N ALA B 53 -6.98 -5.96 23.86
CA ALA B 53 -8.43 -5.84 23.65
C ALA B 53 -8.85 -4.37 23.56
N ALA B 54 -9.81 -4.09 22.68
CA ALA B 54 -10.30 -2.73 22.47
C ALA B 54 -11.80 -2.68 22.30
N ALA B 55 -12.39 -1.53 22.62
CA ALA B 55 -13.81 -1.30 22.43
C ALA B 55 -14.07 -0.89 20.98
N PRO B 56 -15.17 -1.41 20.38
CA PRO B 56 -15.53 -0.99 19.03
C PRO B 56 -15.93 0.48 18.98
N GLY B 57 -15.84 1.08 17.80
CA GLY B 57 -16.22 2.47 17.61
C GLY B 57 -15.31 3.21 16.64
N ASP B 58 -15.45 4.53 16.62
CA ASP B 58 -14.68 5.39 15.72
C ASP B 58 -13.30 5.71 16.28
N TYR B 59 -12.30 5.57 15.43
CA TYR B 59 -10.92 5.89 15.78
C TYR B 59 -10.35 6.87 14.76
N ARG B 60 -9.17 7.43 15.07
CA ARG B 60 -8.50 8.38 14.19
C ARG B 60 -6.99 8.28 14.33
N VAL B 61 -6.30 8.31 13.19
CA VAL B 61 -4.85 8.50 13.17
C VAL B 61 -4.52 9.82 12.48
N ILE B 62 -3.66 10.61 13.11
CA ILE B 62 -3.23 11.87 12.52
C ILE B 62 -1.76 11.78 12.15
N PHE B 63 -1.49 11.79 10.84
CA PHE B 63 -0.15 11.77 10.31
C PHE B 63 0.40 13.21 10.26
N LYS B 64 1.39 13.50 11.10
CA LYS B 64 1.99 14.82 11.15
C LYS B 64 2.94 15.05 9.97
N THR B 65 2.36 15.09 8.77
CA THR B 65 3.14 15.15 7.53
C THR B 65 3.53 16.58 7.16
N GLY B 66 2.85 17.56 7.76
CA GLY B 66 3.19 18.97 7.57
C GLY B 66 4.58 19.27 8.12
N GLN B 67 4.84 18.78 9.33
CA GLN B 67 6.16 18.92 9.97
C GLN B 67 7.23 18.11 9.23
N TYR B 68 6.81 17.02 8.60
CA TYR B 68 7.72 16.17 7.82
C TYR B 68 8.30 16.90 6.61
N PHE B 69 7.43 17.52 5.82
CA PHE B 69 7.85 18.26 4.62
C PHE B 69 8.55 19.57 4.95
N GLU B 70 8.23 20.15 6.11
CA GLU B 70 8.87 21.38 6.57
C GLU B 70 10.36 21.16 6.85
N SER B 71 10.69 20.00 7.42
CA SER B 71 12.07 19.65 7.71
C SER B 71 12.88 19.32 6.46
N LYS B 72 12.17 18.99 5.37
CA LYS B 72 12.81 18.74 4.08
C LYS B 72 12.80 20.01 3.22
N LYS B 73 12.29 21.10 3.78
CA LYS B 73 12.08 22.37 3.07
C LYS B 73 11.22 22.22 1.80
N LEU B 74 10.15 21.45 1.92
CA LEU B 74 9.21 21.23 0.82
C LEU B 74 7.82 21.75 1.18
N ASP B 75 7.18 22.38 0.21
CA ASP B 75 5.80 22.85 0.36
C ASP B 75 4.83 21.69 0.26
N THR B 76 3.67 21.83 0.90
CA THR B 76 2.64 20.80 0.92
C THR B 76 1.24 21.40 1.13
N PHE B 77 0.22 20.70 0.63
CA PHE B 77 -1.16 21.16 0.75
C PHE B 77 -1.71 20.94 2.16
N PHE B 78 -1.16 19.95 2.86
CA PHE B 78 -1.71 19.47 4.12
C PHE B 78 -0.85 19.85 5.32
N PRO B 79 -1.46 20.52 6.32
CA PRO B 79 -0.74 20.80 7.58
C PRO B 79 -0.53 19.52 8.39
N GLU B 80 -1.44 18.57 8.20
CA GLU B 80 -1.35 17.21 8.73
C GLU B 80 -2.42 16.40 8.03
N ILE B 81 -2.36 15.07 8.15
CA ILE B 81 -3.34 14.21 7.50
C ILE B 81 -4.05 13.32 8.53
N PRO B 82 -5.32 13.65 8.83
CA PRO B 82 -6.13 12.81 9.70
C PRO B 82 -6.84 11.71 8.91
N VAL B 83 -6.90 10.50 9.48
CA VAL B 83 -7.66 9.42 8.87
C VAL B 83 -8.62 8.81 9.91
N GLU B 84 -9.91 9.00 9.67
CA GLU B 84 -10.95 8.44 10.53
C GLU B 84 -11.33 7.06 10.05
N PHE B 85 -11.42 6.12 10.98
CA PHE B 85 -11.85 4.75 10.67
C PHE B 85 -12.69 4.14 11.79
N HIS B 86 -13.56 3.19 11.42
CA HIS B 86 -14.43 2.50 12.38
C HIS B 86 -14.05 1.03 12.48
N ILE B 87 -13.97 0.55 13.72
CA ILE B 87 -13.66 -0.85 14.00
C ILE B 87 -14.85 -1.53 14.68
N SER B 88 -15.38 -2.55 14.03
CA SER B 88 -16.47 -3.34 14.61
C SER B 88 -15.95 -4.71 15.05
N LYS B 89 -15.01 -5.26 14.28
CA LYS B 89 -14.32 -6.49 14.66
C LYS B 89 -13.01 -6.12 15.35
N THR B 90 -13.04 -6.14 16.68
CA THR B 90 -11.93 -5.67 17.51
C THR B 90 -10.83 -6.72 17.68
N ASN B 91 -11.05 -7.91 17.15
CA ASN B 91 -10.07 -8.99 17.24
C ASN B 91 -8.94 -8.87 16.22
N GLU B 92 -9.16 -8.08 15.17
CA GLU B 92 -8.31 -8.09 13.98
C GLU B 92 -7.13 -7.12 14.04
N HIS B 93 -6.13 -7.42 13.21
CA HIS B 93 -4.99 -6.55 12.97
C HIS B 93 -5.35 -5.57 11.85
N TYR B 94 -5.27 -4.28 12.13
CA TYR B 94 -5.61 -3.25 11.16
C TYR B 94 -4.38 -2.46 10.70
N HIS B 95 -4.15 -2.48 9.39
CA HIS B 95 -3.12 -1.63 8.77
C HIS B 95 -3.79 -0.42 8.13
N VAL B 96 -3.31 0.77 8.50
CA VAL B 96 -3.76 2.00 7.87
C VAL B 96 -2.55 2.72 7.23
N PRO B 97 -2.17 2.31 6.00
CA PRO B 97 -1.04 2.92 5.31
C PRO B 97 -1.37 4.27 4.70
N LEU B 98 -0.33 5.08 4.48
CA LEU B 98 -0.49 6.38 3.83
C LEU B 98 0.48 6.48 2.66
N LEU B 99 -0.07 6.71 1.47
CA LEU B 99 0.72 6.97 0.27
C LEU B 99 0.83 8.48 0.12
N LEU B 100 2.01 9.01 0.41
CA LEU B 100 2.17 10.44 0.64
C LEU B 100 2.83 11.18 -0.53
N SER B 101 2.09 12.13 -1.09
CA SER B 101 2.65 13.13 -1.99
C SER B 101 2.46 14.50 -1.37
N GLN B 102 3.17 15.50 -1.89
CA GLN B 102 3.10 16.86 -1.36
C GLN B 102 1.69 17.46 -1.42
N TYR B 103 0.98 17.22 -2.52
CA TYR B 103 -0.34 17.82 -2.74
C TYR B 103 -1.42 16.77 -3.05
N GLY B 104 -1.24 15.57 -2.52
CA GLY B 104 -2.21 14.49 -2.68
C GLY B 104 -1.82 13.27 -1.87
N TYR B 105 -2.79 12.42 -1.54
CA TYR B 105 -2.52 11.19 -0.82
C TYR B 105 -3.60 10.12 -0.95
N SER B 106 -3.23 8.90 -0.57
CA SER B 106 -4.16 7.78 -0.53
C SER B 106 -4.04 7.04 0.80
N THR B 107 -5.17 6.58 1.31
CA THR B 107 -5.20 5.71 2.48
C THR B 107 -6.29 4.66 2.34
N TYR B 108 -6.15 3.56 3.08
CA TYR B 108 -6.99 2.38 2.91
C TYR B 108 -6.80 1.41 4.08
N ARG B 109 -7.60 0.35 4.10
CA ARG B 109 -7.33 -0.78 5.00
C ARG B 109 -6.34 -1.70 4.31
N GLY B 110 -5.25 -2.03 5.00
CA GLY B 110 -4.11 -2.69 4.36
C GLY B 110 -3.82 -4.19 4.46
N SER B 111 -4.63 -4.99 5.16
CA SER B 111 -5.88 -4.63 5.79
C SER B 111 -5.67 -4.10 7.21
#